data_3UV1
#
_entry.id   3UV1
#
_cell.length_a   51.092
_cell.length_b   58.234
_cell.length_c   128.978
_cell.angle_alpha   90.00
_cell.angle_beta   90.00
_cell.angle_gamma   90.00
#
_symmetry.space_group_name_H-M   'P 21 21 21'
#
loop_
_entity.id
_entity.type
_entity.pdbx_description
1 polymer 'Der f 7 allergen'
2 water water
#
_entity_poly.entity_id   1
_entity_poly.type   'polypeptide(L)'
_entity_poly.pdbx_seq_one_letter_code
;DPIHYDKITEEINKAIDDAIAAIEQSETIDP(MSE)KVPDHADKFERHVGILDFKGELA(MSE)RNIEARGLKQ(MSE)K
RQGDANVKGEEGIVKAHLLIGVHDDIVS(MSE)EYDLAYKLGDLHPTTHVISDIQDFVVALSLEIPDEGNIT(MSE)TSF
EVRQFANVVNHIGGLSILDPIFGVLSDVLTAIFQDTVRKE(MSE)TKVLAPAFKRELEKN
;
_entity_poly.pdbx_strand_id   A,B
#
# COMPACT_ATOMS: atom_id res chain seq x y z
N ASP A 6 3.69 -17.65 18.05
CA ASP A 6 3.92 -18.71 17.08
C ASP A 6 5.37 -18.73 16.55
N LYS A 7 6.05 -19.86 16.76
CA LYS A 7 7.48 -20.00 16.47
C LYS A 7 7.84 -20.01 14.98
N ILE A 8 7.03 -20.69 14.18
CA ILE A 8 7.26 -20.75 12.74
C ILE A 8 7.20 -19.34 12.14
N THR A 9 6.20 -18.57 12.56
CA THR A 9 6.06 -17.19 12.13
C THR A 9 7.28 -16.34 12.56
N GLU A 10 7.62 -16.40 13.83
CA GLU A 10 8.79 -15.69 14.36
C GLU A 10 10.06 -16.06 13.61
N GLU A 11 10.20 -17.34 13.22
CA GLU A 11 11.35 -17.82 12.44
C GLU A 11 11.39 -17.21 11.05
N ILE A 12 10.22 -17.19 10.41
CA ILE A 12 10.10 -16.61 9.08
C ILE A 12 10.32 -15.10 9.16
N ASN A 13 9.76 -14.46 10.18
CA ASN A 13 10.03 -13.04 10.37
C ASN A 13 11.53 -12.78 10.46
N LYS A 14 12.24 -13.62 11.21
CA LYS A 14 13.65 -13.41 11.49
C LYS A 14 14.52 -13.62 10.24
N ALA A 15 14.19 -14.61 9.42
CA ALA A 15 14.88 -14.82 8.15
C ALA A 15 14.70 -13.61 7.24
N ILE A 16 13.51 -13.03 7.28
CA ILE A 16 13.22 -11.84 6.46
C ILE A 16 14.01 -10.65 6.98
N ASP A 17 14.02 -10.48 8.30
CA ASP A 17 14.75 -9.39 8.93
C ASP A 17 16.25 -9.48 8.65
N ASP A 18 16.79 -10.69 8.67
CA ASP A 18 18.21 -10.90 8.35
C ASP A 18 18.53 -10.59 6.87
N ALA A 19 17.67 -11.03 5.96
CA ALA A 19 17.84 -10.77 4.53
C ALA A 19 17.78 -9.27 4.25
N ILE A 20 16.81 -8.58 4.86
CA ILE A 20 16.72 -7.12 4.71
C ILE A 20 18.01 -6.44 5.16
N ALA A 21 18.52 -6.86 6.31
CA ALA A 21 19.77 -6.27 6.83
C ALA A 21 20.94 -6.52 5.88
N ALA A 22 21.09 -7.76 5.40
CA ALA A 22 22.15 -8.08 4.46
C ALA A 22 22.01 -7.30 3.15
N ILE A 23 20.79 -7.16 2.65
CA ILE A 23 20.55 -6.43 1.40
C ILE A 23 20.77 -4.92 1.57
N GLU A 24 20.34 -4.36 2.70
CA GLU A 24 20.55 -2.93 2.99
C GLU A 24 22.01 -2.48 2.97
N GLN A 25 22.96 -3.40 3.18
CA GLN A 25 24.37 -3.01 3.20
C GLN A 25 25.02 -3.17 1.82
N SER A 26 24.29 -3.75 0.88
CA SER A 26 24.84 -4.20 -0.39
C SER A 26 25.53 -3.12 -1.20
N GLU A 27 24.97 -1.90 -1.14
CA GLU A 27 25.27 -0.89 -2.14
C GLU A 27 24.83 -1.34 -3.55
N THR A 28 24.47 -0.35 -4.37
CA THR A 28 23.55 -0.48 -5.51
C THR A 28 22.10 -0.60 -5.03
N ILE A 29 21.92 -0.66 -3.71
CA ILE A 29 20.57 -0.62 -3.15
C ILE A 29 20.15 0.78 -2.74
N ASP A 30 21.08 1.53 -2.13
CA ASP A 30 20.76 2.88 -1.65
C ASP A 30 22.04 3.74 -1.56
N PRO A 31 22.25 4.65 -2.53
CA PRO A 31 21.33 4.95 -3.63
C PRO A 31 21.33 3.91 -4.74
N LYS A 33 20.83 3.14 -8.64
CA LYS A 33 20.82 3.71 -9.99
C LYS A 33 19.67 3.12 -10.81
N VAL A 34 18.99 3.98 -11.56
CA VAL A 34 17.99 3.54 -12.50
C VAL A 34 18.41 4.03 -13.87
N PRO A 35 18.46 3.13 -14.87
CA PRO A 35 18.93 3.48 -16.21
C PRO A 35 18.20 4.68 -16.80
N ASP A 36 18.93 5.49 -17.56
CA ASP A 36 18.34 6.61 -18.29
C ASP A 36 17.06 6.20 -19.03
N HIS A 37 16.08 7.10 -19.06
CA HIS A 37 14.83 6.80 -19.76
C HIS A 37 14.22 8.02 -20.46
N ALA A 38 13.77 7.80 -21.69
CA ALA A 38 13.18 8.85 -22.50
C ALA A 38 11.79 8.39 -22.93
N ASP A 39 10.88 9.35 -23.09
CA ASP A 39 9.51 9.02 -23.42
C ASP A 39 8.90 10.08 -24.32
N LYS A 40 8.32 9.66 -25.45
CA LYS A 40 7.55 10.57 -26.31
C LYS A 40 6.11 10.52 -25.86
N PHE A 41 5.59 11.64 -25.40
CA PHE A 41 4.27 11.61 -24.76
C PHE A 41 3.23 12.44 -25.48
N GLU A 42 1.97 12.10 -25.22
CA GLU A 42 0.84 12.88 -25.67
C GLU A 42 -0.21 12.87 -24.58
N ARG A 43 -0.61 14.07 -24.14
CA ARG A 43 -1.68 14.19 -23.17
C ARG A 43 -2.72 15.12 -23.71
N HIS A 44 -3.97 14.75 -23.48
CA HIS A 44 -5.08 15.64 -23.80
C HIS A 44 -5.58 16.15 -22.47
N VAL A 45 -5.56 17.47 -22.29
CA VAL A 45 -6.19 18.06 -21.13
C VAL A 45 -7.60 18.57 -21.51
N GLY A 46 -7.68 19.44 -22.51
CA GLY A 46 -8.97 19.95 -23.00
C GLY A 46 -8.75 21.25 -23.76
N ILE A 47 -9.33 21.36 -24.96
CA ILE A 47 -8.98 22.42 -25.92
C ILE A 47 -7.48 22.38 -26.23
N LEU A 48 -6.67 22.65 -25.21
CA LEU A 48 -5.23 22.45 -25.31
C LEU A 48 -4.91 20.95 -25.37
N ASP A 49 -3.76 20.63 -25.96
CA ASP A 49 -3.37 19.25 -26.28
C ASP A 49 -1.84 19.20 -26.33
N PHE A 50 -1.25 18.29 -25.57
CA PHE A 50 0.19 18.36 -25.32
C PHE A 50 0.97 17.17 -25.89
N LYS A 51 1.67 17.40 -26.99
CA LYS A 51 2.58 16.40 -27.56
C LYS A 51 4.00 16.87 -27.28
N GLY A 52 4.88 15.93 -26.95
CA GLY A 52 6.24 16.30 -26.61
C GLY A 52 7.09 15.11 -26.24
N GLU A 53 8.28 15.38 -25.73
CA GLU A 53 9.19 14.31 -25.38
C GLU A 53 9.94 14.69 -24.10
N LEU A 54 10.46 13.69 -23.40
CA LEU A 54 11.26 13.97 -22.23
C LEU A 54 12.35 12.92 -22.03
N ALA A 55 13.40 13.31 -21.31
CA ALA A 55 14.51 12.42 -21.07
C ALA A 55 14.96 12.57 -19.63
N ARG A 57 17.78 11.49 -16.76
CA ARG A 57 19.18 11.05 -16.66
C ARG A 57 19.65 11.12 -15.23
N ASN A 58 20.71 10.36 -14.90
CA ASN A 58 21.27 10.33 -13.56
C ASN A 58 20.19 10.07 -12.52
N ILE A 59 19.39 9.04 -12.76
CA ILE A 59 18.27 8.74 -11.89
C ILE A 59 18.78 7.94 -10.70
N GLU A 60 18.50 8.44 -9.50
CA GLU A 60 18.91 7.75 -8.28
C GLU A 60 17.74 7.61 -7.33
N ALA A 61 17.60 6.42 -6.77
CA ALA A 61 16.55 6.14 -5.78
C ALA A 61 17.17 6.05 -4.39
N ARG A 62 16.67 6.84 -3.44
CA ARG A 62 17.14 6.72 -2.07
C ARG A 62 16.04 6.35 -1.07
N GLY A 63 16.43 5.65 0.00
CA GLY A 63 15.53 5.34 1.10
C GLY A 63 15.37 3.85 1.38
N LEU A 64 15.90 3.00 0.50
CA LEU A 64 15.73 1.56 0.68
C LEU A 64 16.52 0.97 1.86
N LYS A 65 17.50 1.71 2.37
CA LYS A 65 18.17 1.27 3.59
C LYS A 65 17.21 1.28 4.78
N GLN A 66 16.06 1.93 4.63
CA GLN A 66 15.05 1.94 5.69
C GLN A 66 13.97 0.86 5.53
N LYS A 68 11.69 -2.38 6.01
CA LYS A 68 11.26 -3.03 7.23
C LYS A 68 9.96 -3.78 6.97
N ARG A 69 9.78 -4.94 7.60
CA ARG A 69 8.53 -5.67 7.51
C ARG A 69 7.35 -4.84 7.99
N GLN A 70 6.22 -4.92 7.30
CA GLN A 70 5.02 -4.19 7.70
C GLN A 70 4.22 -4.91 8.80
N GLY A 71 4.71 -6.06 9.23
CA GLY A 71 4.06 -6.85 10.26
C GLY A 71 4.47 -8.31 10.12
N ASP A 72 3.75 -9.21 10.78
CA ASP A 72 4.07 -10.63 10.71
C ASP A 72 3.94 -11.20 9.30
N ALA A 73 4.75 -12.20 9.01
CA ALA A 73 4.54 -13.04 7.85
C ALA A 73 3.13 -13.65 7.94
N ASN A 74 2.44 -13.70 6.80
CA ASN A 74 1.17 -14.40 6.71
C ASN A 74 1.45 -15.88 6.36
N VAL A 75 1.26 -16.77 7.33
CA VAL A 75 1.75 -18.14 7.27
C VAL A 75 0.64 -19.20 7.43
N LYS A 76 0.69 -20.23 6.61
CA LYS A 76 -0.26 -21.35 6.69
C LYS A 76 0.36 -22.60 6.07
N GLY A 77 0.04 -23.76 6.62
CA GLY A 77 0.47 -25.01 6.00
C GLY A 77 -0.53 -25.48 4.95
N GLU A 78 -0.05 -25.83 3.76
CA GLU A 78 -0.89 -26.44 2.72
C GLU A 78 -0.20 -27.66 2.15
N GLU A 79 -0.72 -28.84 2.46
CA GLU A 79 -0.24 -30.09 1.87
C GLU A 79 1.24 -30.39 2.16
N GLY A 80 1.67 -30.16 3.39
CA GLY A 80 3.04 -30.44 3.78
C GLY A 80 4.05 -29.34 3.46
N ILE A 81 3.59 -28.30 2.76
CA ILE A 81 4.40 -27.09 2.54
C ILE A 81 3.93 -25.96 3.45
N VAL A 82 4.87 -25.28 4.08
CA VAL A 82 4.57 -24.06 4.81
C VAL A 82 4.63 -22.92 3.80
N LYS A 83 3.55 -22.14 3.69
CA LYS A 83 3.53 -21.02 2.74
C LYS A 83 3.45 -19.68 3.47
N ALA A 84 4.29 -18.73 3.07
CA ALA A 84 4.40 -17.44 3.75
C ALA A 84 4.27 -16.27 2.79
N HIS A 85 3.47 -15.28 3.18
CA HIS A 85 3.39 -14.05 2.39
C HIS A 85 3.81 -12.85 3.23
N LEU A 86 4.63 -11.97 2.65
CA LEU A 86 5.30 -10.91 3.40
C LEU A 86 5.13 -9.56 2.75
N LEU A 87 5.08 -8.54 3.59
CA LEU A 87 5.05 -7.16 3.14
C LEU A 87 6.22 -6.40 3.72
N ILE A 88 7.01 -5.79 2.83
CA ILE A 88 8.15 -5.01 3.29
C ILE A 88 8.03 -3.61 2.73
N GLY A 89 8.03 -2.61 3.61
CA GLY A 89 7.90 -1.23 3.20
C GLY A 89 9.13 -0.47 3.67
N VAL A 90 9.05 0.86 3.71
CA VAL A 90 10.13 1.66 4.28
C VAL A 90 9.60 2.38 5.52
N HIS A 91 10.36 2.34 6.61
CA HIS A 91 9.96 2.94 7.87
C HIS A 91 10.78 4.19 8.20
N ASP A 92 10.10 5.30 8.50
CA ASP A 92 10.78 6.54 8.82
C ASP A 92 11.52 7.13 7.63
N ASP A 93 10.86 7.07 6.46
CA ASP A 93 11.40 7.62 5.22
C ASP A 93 10.43 7.42 4.06
N ILE A 94 10.59 8.21 3.00
CA ILE A 94 9.96 7.94 1.71
C ILE A 94 11.00 7.24 0.86
N VAL A 95 10.58 6.68 -0.27
CA VAL A 95 11.55 6.41 -1.31
C VAL A 95 11.58 7.64 -2.21
N SER A 96 12.74 8.28 -2.29
CA SER A 96 12.89 9.51 -3.07
C SER A 96 13.74 9.29 -4.32
N GLU A 98 15.71 11.14 -7.40
CA GLU A 98 16.22 12.36 -8.02
C GLU A 98 16.74 12.09 -9.42
N TYR A 99 16.59 13.08 -10.31
CA TYR A 99 17.05 12.93 -11.68
C TYR A 99 17.03 14.23 -12.45
N ASP A 100 17.87 14.29 -13.47
CA ASP A 100 17.88 15.40 -14.42
C ASP A 100 16.82 15.16 -15.46
N LEU A 101 16.12 16.23 -15.80
CA LEU A 101 15.01 16.13 -16.73
C LEU A 101 15.15 17.16 -17.84
N ALA A 102 15.14 16.67 -19.07
CA ALA A 102 15.09 17.51 -20.26
C ALA A 102 13.75 17.19 -20.94
N TYR A 103 13.00 18.21 -21.31
CA TYR A 103 11.74 17.98 -21.99
C TYR A 103 11.55 18.93 -23.17
N LYS A 104 10.70 18.51 -24.10
CA LYS A 104 10.53 19.27 -25.32
C LYS A 104 9.05 19.34 -25.66
N LEU A 105 8.57 20.56 -25.89
CA LEU A 105 7.18 20.83 -26.27
C LEU A 105 7.19 22.04 -27.21
N GLY A 106 7.03 21.79 -28.51
CA GLY A 106 7.31 22.82 -29.49
C GLY A 106 8.82 22.98 -29.58
N ASP A 107 9.32 24.22 -29.61
CA ASP A 107 10.76 24.41 -29.48
C ASP A 107 11.07 24.93 -28.08
N LEU A 108 10.07 24.86 -27.21
CA LEU A 108 10.32 24.90 -25.78
C LEU A 108 11.14 23.64 -25.46
N HIS A 109 12.34 23.81 -24.90
CA HIS A 109 13.19 22.68 -24.58
C HIS A 109 14.06 22.95 -23.35
N PRO A 110 13.42 23.07 -22.19
CA PRO A 110 14.18 23.45 -20.99
C PRO A 110 14.85 22.24 -20.41
N THR A 111 15.82 22.45 -19.51
CA THR A 111 16.32 21.36 -18.68
C THR A 111 16.18 21.76 -17.21
N THR A 112 16.04 20.76 -16.32
CA THR A 112 15.84 21.05 -14.91
C THR A 112 16.20 19.82 -14.09
N HIS A 113 15.85 19.85 -12.82
CA HIS A 113 16.14 18.72 -11.95
C HIS A 113 14.86 18.47 -11.19
N VAL A 114 14.55 17.21 -10.93
CA VAL A 114 13.35 16.93 -10.16
C VAL A 114 13.50 15.94 -9.03
N ILE A 115 12.71 16.16 -7.97
CA ILE A 115 12.62 15.21 -6.86
C ILE A 115 11.23 14.60 -6.89
N SER A 116 11.15 13.28 -7.01
CA SER A 116 9.87 12.59 -7.04
C SER A 116 9.71 11.75 -5.77
N ASP A 117 8.60 11.96 -5.05
CA ASP A 117 8.35 11.23 -3.79
C ASP A 117 7.46 10.02 -4.03
N ILE A 118 8.00 8.83 -3.83
CA ILE A 118 7.24 7.60 -3.98
C ILE A 118 6.70 7.25 -2.59
N GLN A 119 5.40 7.48 -2.39
CA GLN A 119 4.77 7.31 -1.07
C GLN A 119 4.34 5.88 -0.84
N ASP A 120 4.51 5.40 0.39
CA ASP A 120 4.11 4.04 0.76
C ASP A 120 4.72 2.98 -0.17
N PHE A 121 6.03 3.03 -0.37
CA PHE A 121 6.72 2.07 -1.21
C PHE A 121 6.68 0.72 -0.49
N VAL A 122 6.25 -0.31 -1.21
CA VAL A 122 6.06 -1.62 -0.61
C VAL A 122 6.40 -2.76 -1.57
N VAL A 123 7.07 -3.78 -1.01
CA VAL A 123 7.41 -4.98 -1.73
C VAL A 123 6.63 -6.13 -1.09
N ALA A 124 6.02 -6.99 -1.92
CA ALA A 124 5.30 -8.16 -1.41
C ALA A 124 6.02 -9.39 -1.93
N LEU A 125 6.27 -10.35 -1.04
CA LEU A 125 6.88 -11.59 -1.49
C LEU A 125 6.26 -12.84 -0.88
N SER A 126 6.44 -13.95 -1.58
CA SER A 126 5.91 -15.22 -1.13
C SER A 126 7.02 -16.24 -1.02
N LEU A 127 6.97 -17.07 0.02
CA LEU A 127 7.95 -18.14 0.23
C LEU A 127 7.23 -19.47 0.35
N GLU A 128 7.92 -20.54 -0.04
CA GLU A 128 7.46 -21.89 0.27
C GLU A 128 8.55 -22.62 1.03
N ILE A 129 8.16 -23.38 2.05
CA ILE A 129 9.12 -24.04 2.91
C ILE A 129 8.68 -25.49 3.16
N PRO A 130 9.24 -26.42 2.37
CA PRO A 130 8.91 -27.84 2.56
C PRO A 130 9.74 -28.44 3.69
N ASP A 131 9.20 -29.45 4.38
CA ASP A 131 10.00 -30.20 5.35
C ASP A 131 10.88 -31.25 4.66
N GLU A 132 11.16 -31.04 3.37
CA GLU A 132 11.86 -31.99 2.54
C GLU A 132 13.38 -31.85 2.41
N GLY A 133 13.89 -30.75 1.83
CA GLY A 133 13.09 -29.61 1.43
C GLY A 133 13.82 -28.27 1.48
N ASN A 134 13.84 -27.57 0.35
CA ASN A 134 14.53 -26.28 0.23
C ASN A 134 13.56 -25.09 0.13
N ILE A 135 13.86 -24.06 0.91
CA ILE A 135 13.15 -22.79 0.88
C ILE A 135 13.26 -22.07 -0.47
N THR A 136 12.13 -21.85 -1.13
CA THR A 136 12.09 -21.08 -2.37
C THR A 136 11.23 -19.81 -2.28
N THR A 138 8.78 -17.84 -4.15
CA THR A 138 7.90 -18.17 -5.26
C THR A 138 7.21 -16.94 -5.86
N SER A 139 7.36 -15.79 -5.23
CA SER A 139 6.95 -14.55 -5.90
C SER A 139 7.59 -13.32 -5.27
N PHE A 140 7.62 -12.24 -6.03
CA PHE A 140 8.18 -10.98 -5.57
C PHE A 140 7.63 -9.91 -6.49
N GLU A 141 7.10 -8.86 -5.89
CA GLU A 141 6.52 -7.78 -6.67
C GLU A 141 6.78 -6.46 -5.94
N VAL A 142 7.11 -5.42 -6.71
CA VAL A 142 7.10 -4.07 -6.17
C VAL A 142 5.67 -3.59 -6.44
N ARG A 143 4.92 -3.28 -5.40
CA ARG A 143 3.50 -2.97 -5.60
C ARG A 143 3.30 -1.64 -6.33
N GLN A 144 2.18 -1.50 -7.02
CA GLN A 144 1.79 -0.23 -7.60
C GLN A 144 1.97 0.91 -6.62
N PHE A 145 2.62 1.98 -7.08
CA PHE A 145 2.76 3.17 -6.24
C PHE A 145 1.38 3.82 -6.07
N ALA A 146 1.01 4.12 -4.82
CA ALA A 146 -0.31 4.67 -4.52
C ALA A 146 -0.36 6.18 -4.71
N ASN A 147 0.79 6.84 -4.57
CA ASN A 147 0.88 8.28 -4.79
C ASN A 147 2.33 8.69 -5.09
N VAL A 148 2.51 9.49 -6.15
CA VAL A 148 3.83 10.00 -6.45
C VAL A 148 3.78 11.52 -6.48
N VAL A 149 4.65 12.18 -5.71
CA VAL A 149 4.69 13.65 -5.77
C VAL A 149 5.94 14.12 -6.52
N ASN A 150 5.73 14.83 -7.63
CA ASN A 150 6.82 15.24 -8.50
C ASN A 150 7.17 16.68 -8.26
N HIS A 151 8.40 16.92 -7.82
CA HIS A 151 8.84 18.28 -7.55
C HIS A 151 9.78 18.66 -8.68
N ILE A 152 9.24 19.33 -9.68
CA ILE A 152 9.98 19.65 -10.90
C ILE A 152 10.59 21.05 -10.79
N GLY A 153 11.90 21.11 -10.71
CA GLY A 153 12.61 22.37 -10.48
C GLY A 153 12.16 23.50 -11.38
N GLY A 154 11.85 24.64 -10.77
CA GLY A 154 11.57 25.85 -11.52
C GLY A 154 10.17 25.91 -12.11
N LEU A 155 9.39 24.87 -11.89
CA LEU A 155 8.10 24.73 -12.56
C LEU A 155 6.93 24.76 -11.58
N SER A 156 6.02 25.71 -11.79
CA SER A 156 4.89 25.90 -10.88
C SER A 156 3.81 24.83 -11.02
N ILE A 157 3.33 24.34 -9.88
CA ILE A 157 2.22 23.39 -9.84
C ILE A 157 0.98 23.91 -10.59
N LEU A 158 0.86 25.23 -10.66
CA LEU A 158 -0.24 25.89 -11.35
C LEU A 158 0.00 26.00 -12.86
N ASP A 159 1.27 26.04 -13.27
CA ASP A 159 1.65 26.04 -14.68
C ASP A 159 1.04 24.82 -15.38
N PRO A 160 0.25 25.06 -16.44
CA PRO A 160 -0.45 23.96 -17.15
C PRO A 160 0.47 22.86 -17.66
N ILE A 161 1.74 23.16 -17.86
CA ILE A 161 2.71 22.14 -18.27
C ILE A 161 3.12 21.25 -17.11
N PHE A 162 2.89 21.70 -15.87
CA PHE A 162 3.26 20.85 -14.75
C PHE A 162 2.40 19.57 -14.69
N GLY A 163 1.07 19.74 -14.79
CA GLY A 163 0.16 18.62 -14.63
C GLY A 163 0.46 17.54 -15.65
N VAL A 164 0.78 17.97 -16.86
CA VAL A 164 1.13 17.07 -17.95
C VAL A 164 2.42 16.28 -17.70
N LEU A 165 3.51 16.95 -17.38
CA LEU A 165 4.77 16.25 -17.14
C LEU A 165 4.62 15.35 -15.92
N SER A 166 3.94 15.85 -14.89
CA SER A 166 3.74 15.05 -13.67
C SER A 166 3.02 13.75 -13.95
N ASP A 167 1.93 13.83 -14.69
CA ASP A 167 1.18 12.62 -15.05
C ASP A 167 2.00 11.66 -15.91
N VAL A 168 2.81 12.21 -16.82
CA VAL A 168 3.63 11.38 -17.67
C VAL A 168 4.72 10.72 -16.85
N LEU A 169 5.36 11.50 -15.97
CA LEU A 169 6.41 10.98 -15.10
C LEU A 169 5.84 9.90 -14.17
N THR A 170 4.61 10.11 -13.69
CA THR A 170 4.01 9.12 -12.80
C THR A 170 3.74 7.80 -13.50
N ALA A 171 3.26 7.86 -14.75
CA ALA A 171 3.09 6.65 -15.55
C ALA A 171 4.43 5.95 -15.82
N ILE A 172 5.49 6.73 -16.05
CA ILE A 172 6.80 6.14 -16.25
C ILE A 172 7.24 5.45 -14.98
N PHE A 173 7.01 6.08 -13.83
CA PHE A 173 7.32 5.44 -12.55
C PHE A 173 6.58 4.12 -12.39
N GLN A 174 5.29 4.11 -12.71
CA GLN A 174 4.47 2.93 -12.54
C GLN A 174 4.90 1.76 -13.42
N ASP A 175 5.59 2.09 -14.50
CA ASP A 175 5.89 1.10 -15.51
C ASP A 175 7.39 0.83 -15.50
N THR A 176 8.17 1.74 -16.06
CA THR A 176 9.62 1.55 -16.16
C THR A 176 10.34 1.50 -14.82
N VAL A 177 10.07 2.47 -13.94
CA VAL A 177 10.85 2.53 -12.70
C VAL A 177 10.55 1.31 -11.84
N ARG A 178 9.28 0.93 -11.77
CA ARG A 178 8.89 -0.25 -10.99
C ARG A 178 9.58 -1.52 -11.49
N LYS A 179 9.63 -1.67 -12.81
CA LYS A 179 10.31 -2.80 -13.41
C LYS A 179 11.79 -2.79 -13.11
N GLU A 180 12.40 -1.61 -13.17
CA GLU A 180 13.84 -1.50 -12.94
C GLU A 180 14.20 -1.79 -11.49
N THR A 182 12.40 -3.71 -9.49
CA THR A 182 12.19 -5.15 -9.31
C THR A 182 13.41 -5.92 -9.82
N LYS A 183 14.00 -5.50 -10.94
CA LYS A 183 15.22 -6.12 -11.47
C LYS A 183 16.35 -6.18 -10.47
N VAL A 184 16.44 -5.16 -9.63
CA VAL A 184 17.49 -5.13 -8.62
C VAL A 184 17.11 -5.95 -7.38
N LEU A 185 15.89 -5.74 -6.89
CA LEU A 185 15.46 -6.24 -5.60
C LEU A 185 15.17 -7.74 -5.57
N ALA A 186 14.44 -8.22 -6.58
CA ALA A 186 13.98 -9.61 -6.62
C ALA A 186 15.11 -10.64 -6.52
N PRO A 187 16.15 -10.54 -7.38
CA PRO A 187 17.19 -11.56 -7.23
C PRO A 187 18.04 -11.35 -5.98
N ALA A 188 18.07 -10.13 -5.45
CA ALA A 188 18.79 -9.90 -4.21
C ALA A 188 18.08 -10.63 -3.03
N PHE A 189 16.76 -10.54 -2.98
CA PHE A 189 16.02 -11.24 -1.94
C PHE A 189 16.05 -12.74 -2.13
N LYS A 190 15.92 -13.19 -3.38
CA LYS A 190 16.01 -14.60 -3.72
C LYS A 190 17.31 -15.20 -3.23
N ARG A 191 18.42 -14.56 -3.56
CA ARG A 191 19.73 -15.04 -3.12
C ARG A 191 19.80 -15.17 -1.61
N GLU A 192 19.34 -14.15 -0.89
CA GLU A 192 19.38 -14.19 0.57
C GLU A 192 18.51 -15.30 1.12
N LEU A 193 17.25 -15.32 0.69
CA LEU A 193 16.27 -16.25 1.28
C LEU A 193 16.51 -17.70 0.92
N GLU A 194 17.18 -17.96 -0.20
CA GLU A 194 17.32 -19.33 -0.68
C GLU A 194 18.65 -20.00 -0.27
N LYS A 195 19.57 -19.21 0.28
CA LYS A 195 20.56 -19.67 1.25
C LYS A 195 21.38 -18.50 1.80
N ASP B 6 3.03 25.16 -3.70
CA ASP B 6 3.83 25.01 -2.48
C ASP B 6 3.07 25.53 -1.25
N LYS B 7 2.64 26.79 -1.32
CA LYS B 7 1.74 27.32 -0.30
C LYS B 7 0.43 26.53 -0.32
N ILE B 8 0.00 26.16 -1.52
CA ILE B 8 -1.22 25.38 -1.70
C ILE B 8 -1.07 23.96 -1.17
N THR B 9 0.10 23.36 -1.41
CA THR B 9 0.42 22.04 -0.90
C THR B 9 0.40 22.07 0.62
N GLU B 10 1.07 23.08 1.18
CA GLU B 10 1.13 23.31 2.61
C GLU B 10 -0.27 23.36 3.23
N GLU B 11 -1.14 24.20 2.67
CA GLU B 11 -2.48 24.37 3.26
C GLU B 11 -3.42 23.18 3.05
N ILE B 12 -3.23 22.43 1.97
CA ILE B 12 -3.98 21.19 1.79
C ILE B 12 -3.54 20.18 2.84
N ASN B 13 -2.23 20.06 3.04
CA ASN B 13 -1.65 19.23 4.09
C ASN B 13 -2.23 19.57 5.46
N LYS B 14 -2.44 20.87 5.69
CA LYS B 14 -2.98 21.37 6.94
C LYS B 14 -4.45 21.00 7.07
N ALA B 15 -5.22 21.22 6.02
CA ALA B 15 -6.63 20.81 6.01
C ALA B 15 -6.76 19.31 6.33
N ILE B 16 -5.91 18.51 5.71
CA ILE B 16 -5.93 17.07 5.95
C ILE B 16 -5.55 16.70 7.39
N ASP B 17 -4.42 17.23 7.87
CA ASP B 17 -3.99 16.93 9.22
C ASP B 17 -5.04 17.39 10.25
N ASP B 18 -5.60 18.58 10.05
CA ASP B 18 -6.64 19.07 10.95
C ASP B 18 -7.85 18.15 10.95
N ALA B 19 -8.27 17.72 9.77
CA ALA B 19 -9.38 16.79 9.65
C ALA B 19 -9.08 15.46 10.34
N ILE B 20 -7.85 14.96 10.18
CA ILE B 20 -7.41 13.77 10.90
C ILE B 20 -7.48 13.97 12.41
N ALA B 21 -6.93 15.08 12.90
CA ALA B 21 -6.96 15.39 14.33
C ALA B 21 -8.39 15.47 14.87
N ALA B 22 -9.27 16.12 14.12
CA ALA B 22 -10.67 16.26 14.53
C ALA B 22 -11.32 14.88 14.67
N ILE B 23 -11.10 14.04 13.68
CA ILE B 23 -11.67 12.70 13.65
C ILE B 23 -11.12 11.82 14.75
N GLU B 24 -9.81 11.92 15.01
CA GLU B 24 -9.21 11.17 16.10
C GLU B 24 -9.75 11.61 17.46
N GLN B 25 -9.91 12.92 17.61
CA GLN B 25 -10.44 13.56 18.81
C GLN B 25 -11.84 13.07 19.20
N SER B 26 -12.72 12.97 18.20
CA SER B 26 -14.13 12.63 18.42
C SER B 26 -14.36 11.27 19.06
N GLU B 27 -13.28 10.50 19.22
CA GLU B 27 -13.37 9.06 19.36
C GLU B 27 -14.05 8.52 18.11
N THR B 28 -15.22 7.93 18.28
CA THR B 28 -16.00 7.36 17.16
C THR B 28 -15.31 6.32 16.25
N ILE B 29 -13.99 6.41 16.09
CA ILE B 29 -13.30 5.74 15.00
C ILE B 29 -12.31 4.68 15.46
N ASP B 30 -12.05 4.66 16.77
CA ASP B 30 -11.08 3.72 17.32
C ASP B 30 -11.38 3.50 18.81
N PRO B 31 -12.02 2.37 19.15
CA PRO B 31 -12.41 1.29 18.24
C PRO B 31 -13.59 1.61 17.31
N LYS B 33 -16.73 -0.15 15.37
CA LYS B 33 -17.57 -1.34 15.26
C LYS B 33 -17.85 -1.69 13.82
N VAL B 34 -17.84 -2.99 13.53
CA VAL B 34 -18.16 -3.51 12.21
C VAL B 34 -19.30 -4.52 12.36
N PRO B 35 -20.33 -4.41 11.52
CA PRO B 35 -21.48 -5.32 11.61
C PRO B 35 -21.10 -6.79 11.44
N ASP B 36 -21.87 -7.65 12.11
CA ASP B 36 -21.64 -9.08 12.04
C ASP B 36 -21.65 -9.54 10.60
N HIS B 37 -20.96 -10.63 10.33
CA HIS B 37 -20.94 -11.15 8.98
C HIS B 37 -20.81 -12.66 9.02
N ALA B 38 -21.63 -13.31 8.20
CA ALA B 38 -21.65 -14.75 8.10
C ALA B 38 -21.25 -15.11 6.70
N ASP B 39 -20.60 -16.26 6.54
CA ASP B 39 -20.20 -16.67 5.21
C ASP B 39 -20.12 -18.17 5.14
N LYS B 40 -20.07 -18.69 3.90
CA LYS B 40 -19.99 -20.12 3.67
C LYS B 40 -18.68 -20.41 2.94
N PHE B 41 -18.04 -21.52 3.29
CA PHE B 41 -16.76 -21.88 2.71
C PHE B 41 -16.73 -23.30 2.15
N GLU B 42 -15.85 -23.53 1.19
CA GLU B 42 -15.66 -24.87 0.64
C GLU B 42 -14.30 -24.97 -0.03
N ARG B 43 -13.50 -25.94 0.40
CA ARG B 43 -12.22 -26.18 -0.26
C ARG B 43 -11.78 -27.62 -0.15
N HIS B 44 -11.23 -28.14 -1.23
CA HIS B 44 -10.64 -29.45 -1.25
C HIS B 44 -9.14 -29.26 -1.12
N VAL B 45 -8.54 -29.89 -0.12
CA VAL B 45 -7.11 -29.76 0.14
C VAL B 45 -6.50 -31.14 0.25
N GLY B 46 -5.83 -31.59 -0.82
CA GLY B 46 -5.26 -32.93 -0.92
C GLY B 46 -6.01 -34.07 -0.24
N ILE B 47 -6.92 -34.70 -0.97
CA ILE B 47 -7.79 -35.78 -0.43
C ILE B 47 -8.70 -35.41 0.75
N LEU B 48 -8.65 -34.17 1.22
CA LEU B 48 -9.50 -33.69 2.31
C LEU B 48 -10.48 -32.64 1.81
N ASP B 49 -11.75 -32.76 2.21
CA ASP B 49 -12.73 -31.74 1.89
C ASP B 49 -13.11 -30.91 3.12
N PHE B 50 -13.14 -29.59 2.96
CA PHE B 50 -13.59 -28.69 4.02
C PHE B 50 -14.72 -27.80 3.52
N LYS B 51 -15.94 -28.12 3.93
CA LYS B 51 -17.11 -27.37 3.50
C LYS B 51 -17.92 -26.98 4.72
N GLY B 52 -18.28 -25.71 4.83
CA GLY B 52 -19.11 -25.33 5.95
C GLY B 52 -19.46 -23.87 6.02
N GLU B 53 -19.52 -23.36 7.25
CA GLU B 53 -20.08 -22.06 7.47
C GLU B 53 -19.33 -21.37 8.60
N LEU B 54 -19.36 -20.04 8.60
CA LEU B 54 -18.73 -19.28 9.67
C LEU B 54 -19.49 -17.99 9.99
N ALA B 55 -19.31 -17.50 11.22
CA ALA B 55 -19.95 -16.26 11.64
C ALA B 55 -18.97 -15.43 12.47
N ARG B 57 -18.76 -12.13 14.88
CA ARG B 57 -19.58 -11.22 15.70
C ARG B 57 -18.65 -10.38 16.57
N ASN B 58 -19.15 -9.25 17.08
CA ASN B 58 -18.37 -8.39 17.98
C ASN B 58 -17.06 -7.87 17.38
N ILE B 59 -17.12 -7.59 16.07
CA ILE B 59 -15.96 -7.15 15.30
C ILE B 59 -15.62 -5.71 15.65
N GLU B 60 -14.38 -5.49 16.07
CA GLU B 60 -13.87 -4.15 16.37
C GLU B 60 -12.52 -3.88 15.70
N ALA B 61 -12.42 -2.78 14.98
CA ALA B 61 -11.18 -2.34 14.40
C ALA B 61 -10.48 -1.37 15.35
N ARG B 62 -9.24 -1.68 15.72
CA ARG B 62 -8.48 -0.80 16.60
C ARG B 62 -7.19 -0.31 15.94
N GLY B 63 -6.82 0.93 16.21
CA GLY B 63 -5.60 1.51 15.65
C GLY B 63 -5.72 2.72 14.72
N LEU B 64 -6.94 3.04 14.26
CA LEU B 64 -7.09 4.19 13.38
C LEU B 64 -6.78 5.50 14.07
N LYS B 65 -6.65 5.49 15.40
CA LYS B 65 -6.17 6.68 16.12
C LYS B 65 -4.76 7.08 15.66
N GLN B 66 -4.06 6.15 15.01
CA GLN B 66 -2.71 6.39 14.53
C GLN B 66 -2.65 6.93 13.11
N LYS B 68 -2.28 8.98 9.81
CA LYS B 68 -1.49 10.17 9.48
C LYS B 68 -1.20 10.24 7.99
N ARG B 69 -1.05 11.47 7.50
CA ARG B 69 -0.65 11.72 6.12
C ARG B 69 0.65 10.99 5.80
N GLN B 70 0.68 10.31 4.66
CA GLN B 70 1.87 9.57 4.23
C GLN B 70 2.87 10.43 3.43
N GLY B 71 2.68 11.75 3.47
CA GLY B 71 3.56 12.65 2.74
C GLY B 71 2.77 13.81 2.16
N ASP B 72 3.43 14.66 1.37
CA ASP B 72 2.76 15.79 0.73
C ASP B 72 1.60 15.35 -0.13
N ALA B 73 0.62 16.24 -0.28
CA ALA B 73 -0.41 16.04 -1.30
C ALA B 73 0.21 16.07 -2.68
N ASN B 74 -0.33 15.25 -3.58
CA ASN B 74 -0.02 15.33 -5.00
C ASN B 74 -0.97 16.36 -5.60
N VAL B 75 -0.42 17.47 -6.10
CA VAL B 75 -1.26 18.60 -6.45
C VAL B 75 -0.94 19.11 -7.84
N LYS B 76 -1.97 19.37 -8.63
CA LYS B 76 -1.78 20.02 -9.93
C LYS B 76 -2.85 21.07 -10.18
N GLY B 77 -2.41 22.26 -10.57
CA GLY B 77 -3.34 23.30 -10.98
C GLY B 77 -3.85 22.95 -12.36
N GLU B 78 -5.16 22.74 -12.48
CA GLU B 78 -5.72 22.33 -13.76
C GLU B 78 -6.81 23.26 -14.23
N GLU B 79 -6.42 24.26 -15.02
CA GLU B 79 -7.37 25.18 -15.66
C GLU B 79 -8.24 25.97 -14.66
N GLY B 80 -7.61 26.55 -13.66
CA GLY B 80 -8.34 27.36 -12.69
C GLY B 80 -9.12 26.55 -11.68
N ILE B 81 -8.65 25.32 -11.42
CA ILE B 81 -9.13 24.52 -10.30
C ILE B 81 -8.03 23.59 -9.81
N VAL B 82 -7.71 23.68 -8.53
CA VAL B 82 -6.69 22.83 -7.94
C VAL B 82 -7.21 21.41 -7.70
N LYS B 83 -6.40 20.43 -8.08
CA LYS B 83 -6.70 19.03 -7.86
C LYS B 83 -5.61 18.37 -7.03
N ALA B 84 -6.03 17.74 -5.94
CA ALA B 84 -5.09 17.15 -5.00
C ALA B 84 -5.47 15.72 -4.67
N HIS B 85 -4.46 14.86 -4.52
CA HIS B 85 -4.68 13.46 -4.20
C HIS B 85 -3.73 13.08 -3.10
N LEU B 86 -4.26 12.40 -2.09
CA LEU B 86 -3.57 12.23 -0.81
C LEU B 86 -3.67 10.81 -0.31
N LEU B 87 -2.66 10.39 0.46
CA LEU B 87 -2.69 9.11 1.15
C LEU B 87 -2.71 9.33 2.66
N ILE B 88 -3.57 8.59 3.36
CA ILE B 88 -3.56 8.59 4.82
C ILE B 88 -3.46 7.13 5.26
N GLY B 89 -2.44 6.81 6.06
CA GLY B 89 -2.26 5.45 6.52
C GLY B 89 -2.07 5.44 8.04
N VAL B 90 -1.76 4.29 8.61
CA VAL B 90 -1.55 4.27 10.06
C VAL B 90 -0.09 4.06 10.43
N HIS B 91 0.28 4.70 11.54
CA HIS B 91 1.67 5.02 11.78
C HIS B 91 2.05 4.81 13.23
N ASP B 92 2.64 3.64 13.50
CA ASP B 92 2.83 3.21 14.88
C ASP B 92 1.98 1.97 15.14
N ASP B 93 1.50 1.33 14.07
CA ASP B 93 0.71 0.11 14.21
C ASP B 93 0.32 -0.62 12.94
N ILE B 94 -0.27 -1.79 13.16
CA ILE B 94 -1.14 -2.42 12.18
C ILE B 94 -2.51 -1.88 12.60
N VAL B 95 -3.50 -2.04 11.73
CA VAL B 95 -4.88 -1.87 12.13
C VAL B 95 -5.32 -3.27 12.59
N SER B 96 -5.86 -3.36 13.80
CA SER B 96 -6.21 -4.66 14.37
C SER B 96 -7.71 -4.93 14.42
N GLU B 98 -10.55 -7.37 15.91
CA GLU B 98 -10.86 -8.39 16.92
C GLU B 98 -12.32 -8.82 16.84
N TYR B 99 -12.55 -10.13 16.97
CA TYR B 99 -13.89 -10.68 16.80
C TYR B 99 -14.02 -12.11 17.28
N ASP B 100 -15.27 -12.48 17.54
CA ASP B 100 -15.59 -13.84 17.91
C ASP B 100 -15.86 -14.59 16.64
N LEU B 101 -15.38 -15.81 16.57
CA LEU B 101 -15.60 -16.61 15.39
C LEU B 101 -16.28 -17.93 15.76
N ALA B 102 -17.39 -18.22 15.09
CA ALA B 102 -18.00 -19.53 15.15
C ALA B 102 -17.94 -20.12 13.76
N TYR B 103 -17.58 -21.39 13.66
CA TYR B 103 -17.66 -22.05 12.37
C TYR B 103 -18.24 -23.43 12.50
N LYS B 104 -18.73 -23.96 11.38
CA LYS B 104 -19.30 -25.31 11.37
C LYS B 104 -18.68 -26.16 10.28
N LEU B 105 -18.23 -27.36 10.64
CA LEU B 105 -17.75 -28.35 9.67
C LEU B 105 -18.27 -29.72 10.02
N GLY B 106 -19.33 -30.13 9.34
CA GLY B 106 -19.98 -31.38 9.69
C GLY B 106 -20.59 -31.26 11.07
N ASP B 107 -20.27 -32.18 11.97
CA ASP B 107 -20.84 -32.15 13.31
C ASP B 107 -20.07 -31.24 14.27
N LEU B 108 -18.92 -30.73 13.85
CA LEU B 108 -18.13 -29.85 14.70
C LEU B 108 -18.56 -28.38 14.52
N HIS B 109 -18.80 -27.68 15.63
CA HIS B 109 -19.18 -26.26 15.61
C HIS B 109 -18.52 -25.45 16.73
N PRO B 110 -17.19 -25.35 16.69
CA PRO B 110 -16.50 -24.65 17.77
C PRO B 110 -16.62 -23.13 17.68
N THR B 111 -16.28 -22.46 18.78
CA THR B 111 -16.12 -21.02 18.79
C THR B 111 -14.76 -20.64 19.33
N THR B 112 -14.25 -19.49 18.90
CA THR B 112 -13.00 -19.01 19.44
C THR B 112 -12.97 -17.51 19.23
N HIS B 113 -11.84 -16.88 19.54
CA HIS B 113 -11.69 -15.46 19.34
C HIS B 113 -10.55 -15.25 18.34
N VAL B 114 -10.61 -14.18 17.56
CA VAL B 114 -9.51 -13.95 16.63
C VAL B 114 -9.08 -12.50 16.55
N ILE B 115 -7.79 -12.31 16.32
CA ILE B 115 -7.23 -11.03 15.97
C ILE B 115 -6.67 -11.09 14.54
N SER B 116 -7.17 -10.22 13.68
CA SER B 116 -6.66 -10.17 12.32
C SER B 116 -5.85 -8.88 12.07
N ASP B 117 -4.62 -9.01 11.60
CA ASP B 117 -3.74 -7.86 11.40
C ASP B 117 -3.89 -7.35 9.98
N ILE B 118 -4.35 -6.11 9.82
CA ILE B 118 -4.44 -5.48 8.51
C ILE B 118 -3.20 -4.64 8.32
N GLN B 119 -2.26 -5.13 7.51
CA GLN B 119 -0.99 -4.43 7.29
C GLN B 119 -1.09 -3.32 6.26
N ASP B 120 -0.40 -2.21 6.55
CA ASP B 120 -0.33 -1.08 5.62
C ASP B 120 -1.73 -0.61 5.19
N PHE B 121 -2.58 -0.35 6.19
CA PHE B 121 -3.92 0.19 5.93
C PHE B 121 -3.72 1.55 5.30
N VAL B 122 -4.31 1.78 4.13
CA VAL B 122 -4.19 3.09 3.48
C VAL B 122 -5.52 3.58 2.89
N VAL B 123 -5.84 4.85 3.15
CA VAL B 123 -6.95 5.54 2.54
C VAL B 123 -6.38 6.45 1.44
N ALA B 124 -6.93 6.38 0.23
CA ALA B 124 -6.57 7.32 -0.81
C ALA B 124 -7.74 8.26 -0.98
N LEU B 125 -7.50 9.56 -0.85
CA LEU B 125 -8.59 10.49 -1.13
C LEU B 125 -8.19 11.61 -2.09
N SER B 126 -9.18 12.11 -2.82
CA SER B 126 -8.99 13.24 -3.73
C SER B 126 -9.84 14.44 -3.32
N LEU B 127 -9.31 15.62 -3.63
CA LEU B 127 -9.94 16.91 -3.31
C LEU B 127 -10.05 17.74 -4.57
N GLU B 128 -10.84 18.81 -4.51
CA GLU B 128 -10.89 19.79 -5.57
C GLU B 128 -11.07 21.17 -4.96
N ILE B 129 -10.31 22.14 -5.46
CA ILE B 129 -10.45 23.52 -5.01
C ILE B 129 -10.54 24.45 -6.20
N PRO B 130 -11.74 24.94 -6.50
CA PRO B 130 -11.89 26.04 -7.46
C PRO B 130 -11.22 27.29 -6.90
N ASP B 131 -10.87 28.27 -7.74
CA ASP B 131 -10.27 29.54 -7.28
C ASP B 131 -11.15 30.18 -6.19
N GLU B 132 -12.42 29.79 -6.19
CA GLU B 132 -13.34 30.04 -5.09
C GLU B 132 -14.48 29.04 -5.18
N GLY B 133 -14.53 28.10 -4.24
CA GLY B 133 -13.61 28.05 -3.12
C GLY B 133 -14.09 27.06 -2.08
N ASN B 134 -15.14 26.33 -2.42
CA ASN B 134 -15.58 25.23 -1.58
C ASN B 134 -14.69 24.01 -1.86
N ILE B 135 -13.86 23.66 -0.89
CA ILE B 135 -13.10 22.42 -0.99
C ILE B 135 -14.06 21.25 -1.11
N THR B 136 -13.99 20.53 -2.23
CA THR B 136 -14.83 19.37 -2.42
C THR B 136 -13.98 18.09 -2.38
N THR B 138 -13.60 14.51 -3.54
CA THR B 138 -14.16 13.95 -4.77
C THR B 138 -14.10 12.44 -4.86
N SER B 139 -13.11 11.84 -4.21
CA SER B 139 -13.04 10.39 -4.08
C SER B 139 -12.43 10.00 -2.75
N PHE B 140 -12.85 8.85 -2.25
CA PHE B 140 -12.37 8.34 -0.97
C PHE B 140 -12.44 6.81 -1.00
N GLU B 141 -11.28 6.17 -0.89
CA GLU B 141 -11.23 4.71 -0.94
C GLU B 141 -10.21 4.14 0.03
N VAL B 142 -10.56 3.01 0.64
CA VAL B 142 -9.59 2.25 1.39
C VAL B 142 -8.93 1.30 0.39
N ARG B 143 -7.62 1.45 0.19
CA ARG B 143 -6.90 0.61 -0.77
C ARG B 143 -6.98 -0.86 -0.35
N GLN B 144 -6.83 -1.73 -1.34
CA GLN B 144 -6.79 -3.17 -1.11
C GLN B 144 -5.75 -3.57 -0.07
N PHE B 145 -6.17 -4.40 0.89
CA PHE B 145 -5.28 -4.93 1.91
C PHE B 145 -4.26 -5.90 1.30
N ALA B 146 -2.99 -5.53 1.37
CA ALA B 146 -1.93 -6.30 0.71
C ALA B 146 -1.55 -7.55 1.50
N ASN B 147 -1.78 -7.53 2.80
CA ASN B 147 -1.45 -8.69 3.63
C ASN B 147 -2.30 -8.68 4.90
N VAL B 148 -3.01 -9.77 5.14
CA VAL B 148 -3.85 -9.85 6.33
C VAL B 148 -3.44 -11.11 7.08
N VAL B 149 -3.06 -10.97 8.35
CA VAL B 149 -2.66 -12.14 9.15
C VAL B 149 -3.73 -12.47 10.19
N ASN B 150 -4.23 -13.70 10.08
CA ASN B 150 -5.35 -14.15 10.89
C ASN B 150 -4.88 -15.00 12.06
N HIS B 151 -4.99 -14.47 13.27
CA HIS B 151 -4.55 -15.17 14.47
C HIS B 151 -5.80 -15.79 15.06
N ILE B 152 -6.07 -17.05 14.71
CA ILE B 152 -7.30 -17.71 15.12
C ILE B 152 -7.06 -18.51 16.41
N GLY B 153 -7.64 -18.02 17.49
CA GLY B 153 -7.38 -18.56 18.82
C GLY B 153 -7.42 -20.07 18.91
N GLY B 154 -6.26 -20.66 19.22
CA GLY B 154 -6.17 -22.08 19.52
C GLY B 154 -6.12 -22.95 18.29
N LEU B 155 -5.94 -22.32 17.14
CA LEU B 155 -5.85 -23.08 15.90
C LEU B 155 -4.43 -22.96 15.36
N SER B 156 -3.73 -24.09 15.27
CA SER B 156 -2.37 -24.12 14.76
C SER B 156 -2.36 -23.84 13.26
N ILE B 157 -1.33 -23.16 12.79
CA ILE B 157 -1.32 -22.74 11.40
C ILE B 157 -1.03 -23.92 10.48
N LEU B 158 -0.57 -25.01 11.08
CA LEU B 158 -0.30 -26.27 10.37
C LEU B 158 -1.53 -27.15 10.23
N ASP B 159 -2.55 -26.87 11.05
CA ASP B 159 -3.84 -27.55 10.94
C ASP B 159 -4.42 -27.19 9.56
N PRO B 160 -4.76 -28.22 8.75
CA PRO B 160 -5.14 -28.00 7.35
C PRO B 160 -6.38 -27.12 7.23
N ILE B 161 -7.21 -27.11 8.25
CA ILE B 161 -8.37 -26.22 8.21
C ILE B 161 -8.00 -24.72 8.41
N PHE B 162 -6.89 -24.44 9.07
CA PHE B 162 -6.48 -23.05 9.28
C PHE B 162 -6.35 -22.30 7.96
N GLY B 163 -5.60 -22.87 7.02
CA GLY B 163 -5.44 -22.27 5.70
C GLY B 163 -6.76 -21.95 5.01
N VAL B 164 -7.74 -22.83 5.18
CA VAL B 164 -9.08 -22.63 4.62
C VAL B 164 -9.80 -21.46 5.30
N LEU B 165 -9.82 -21.47 6.63
CA LEU B 165 -10.47 -20.41 7.37
C LEU B 165 -9.77 -19.08 7.14
N SER B 166 -8.44 -19.12 7.14
CA SER B 166 -7.66 -17.90 7.00
C SER B 166 -7.91 -17.24 5.65
N ASP B 167 -7.93 -18.03 4.57
CA ASP B 167 -8.15 -17.45 3.25
C ASP B 167 -9.54 -16.86 3.07
N VAL B 168 -10.55 -17.52 3.64
CA VAL B 168 -11.92 -17.01 3.65
C VAL B 168 -12.04 -15.69 4.42
N LEU B 169 -11.50 -15.65 5.64
CA LEU B 169 -11.50 -14.44 6.45
C LEU B 169 -10.85 -13.25 5.71
N THR B 170 -9.75 -13.51 5.04
CA THR B 170 -9.05 -12.47 4.28
C THR B 170 -9.91 -11.92 3.14
N ALA B 171 -10.55 -12.81 2.38
CA ALA B 171 -11.47 -12.41 1.32
C ALA B 171 -12.60 -11.55 1.87
N ILE B 172 -13.14 -11.95 3.02
CA ILE B 172 -14.18 -11.17 3.70
C ILE B 172 -13.64 -9.79 4.08
N PHE B 173 -12.43 -9.72 4.61
CA PHE B 173 -11.85 -8.41 4.92
C PHE B 173 -11.67 -7.54 3.67
N GLN B 174 -11.16 -8.13 2.60
CA GLN B 174 -10.96 -7.41 1.32
C GLN B 174 -12.24 -6.88 0.71
N ASP B 175 -13.33 -7.60 0.93
CA ASP B 175 -14.61 -7.28 0.33
C ASP B 175 -15.51 -6.58 1.35
N THR B 176 -16.21 -7.37 2.15
CA THR B 176 -17.17 -6.85 3.13
C THR B 176 -16.61 -5.74 4.04
N VAL B 177 -15.55 -6.06 4.77
CA VAL B 177 -15.10 -5.15 5.84
C VAL B 177 -14.47 -3.87 5.29
N ARG B 178 -13.73 -4.00 4.20
CA ARG B 178 -13.10 -2.83 3.58
C ARG B 178 -14.15 -1.79 3.17
N LYS B 179 -15.23 -2.28 2.58
CA LYS B 179 -16.29 -1.41 2.08
C LYS B 179 -17.05 -0.76 3.22
N GLU B 180 -17.25 -1.51 4.30
CA GLU B 180 -17.86 -0.98 5.51
C GLU B 180 -16.99 0.12 6.11
N THR B 182 -14.93 1.97 4.55
CA THR B 182 -15.05 3.11 3.64
C THR B 182 -16.34 3.89 3.94
N LYS B 183 -17.45 3.18 4.14
CA LYS B 183 -18.73 3.84 4.43
C LYS B 183 -18.70 4.63 5.74
N VAL B 184 -17.87 4.21 6.69
CA VAL B 184 -17.71 4.96 7.95
C VAL B 184 -16.74 6.14 7.84
N LEU B 185 -15.64 5.94 7.11
CA LEU B 185 -14.59 6.93 7.11
C LEU B 185 -14.89 8.07 6.15
N ALA B 186 -15.48 7.76 5.00
CA ALA B 186 -15.72 8.76 3.96
C ALA B 186 -16.56 9.98 4.39
N PRO B 187 -17.73 9.76 5.01
CA PRO B 187 -18.48 10.95 5.43
C PRO B 187 -17.80 11.74 6.55
N ALA B 188 -17.06 11.04 7.40
CA ALA B 188 -16.34 11.68 8.50
C ALA B 188 -15.29 12.66 7.97
N PHE B 189 -14.44 12.19 7.06
CA PHE B 189 -13.49 13.10 6.42
C PHE B 189 -14.17 14.20 5.62
N LYS B 190 -15.20 13.83 4.87
CA LYS B 190 -15.93 14.78 4.05
C LYS B 190 -16.52 15.95 4.86
N ARG B 191 -17.12 15.67 6.01
CA ARG B 191 -17.70 16.73 6.84
C ARG B 191 -16.63 17.67 7.37
N GLU B 192 -15.46 17.10 7.70
CA GLU B 192 -14.34 17.88 8.21
C GLU B 192 -13.69 18.76 7.14
N LEU B 193 -13.48 18.20 5.96
CA LEU B 193 -12.84 18.92 4.86
C LEU B 193 -13.78 19.98 4.28
N GLU B 194 -14.93 19.53 3.77
CA GLU B 194 -15.93 20.44 3.19
C GLU B 194 -16.55 21.38 4.24
N LYS B 195 -16.13 21.20 5.50
CA LYS B 195 -16.44 22.10 6.61
C LYS B 195 -17.93 22.29 6.88
#